data_8Q6W
#
_entry.id   8Q6W
#
_cell.length_a   68.090
_cell.length_b   68.090
_cell.length_c   41.020
_cell.angle_alpha   90.00
_cell.angle_beta   90.00
_cell.angle_gamma   120.00
#
_symmetry.space_group_name_H-M   'P 31'
#
loop_
_entity.id
_entity.type
_entity.pdbx_description
1 polymer mOrange
2 non-polymer 'TETRAETHYLENE GLYCOL'
3 non-polymer 'ACETATE ION'
4 non-polymer DI(HYDROXYETHYL)ETHER
5 non-polymer 'SULFATE ION'
6 water water
#
_entity_poly.entity_id   1
_entity_poly.type   'polypeptide(L)'
_entity_poly.pdbx_seq_one_letter_code
;HHHHHHGRSMVSKGEENNMAIIKEFMRFKVRMEGSVNGHEFEIEGEGEGRPYEGFQTVKLKVTKGGPLPFAWDILSPQ
(OFM)SKAYVKHPADIPDYLKLSFPEGFKWERVMNFEDGGVVTVTQDSSLQDGEFIYKVKLRGTNFPSDGPVMQKKTMGM
EASSERMYPEDGALKGEDKLRLKLKDGGHYTSEVKTTYKAKKPVQLPGAYIVDIKLDITSHNEDYTIVEQYERAEGRHST
GGMDELYK
;
_entity_poly.pdbx_strand_id   A
#
loop_
_chem_comp.id
_chem_comp.type
_chem_comp.name
_chem_comp.formula
ACT non-polymer 'ACETATE ION' 'C2 H3 O2 -1'
PEG non-polymer DI(HYDROXYETHYL)ETHER 'C4 H10 O3'
PG4 non-polymer 'TETRAETHYLENE GLYCOL' 'C8 H18 O5'
SO4 non-polymer 'SULFATE ION' 'O4 S -2'
#
# COMPACT_ATOMS: atom_id res chain seq x y z
N ALA A 20 -21.50 5.96 -11.63
CA ALA A 20 -21.63 4.47 -11.49
C ALA A 20 -20.37 3.70 -11.98
N ILE A 21 -19.23 4.33 -12.16
CA ILE A 21 -18.10 3.65 -12.85
C ILE A 21 -17.25 2.75 -11.92
N ILE A 22 -17.27 3.00 -10.63
CA ILE A 22 -16.72 2.00 -9.67
C ILE A 22 -17.84 1.02 -9.31
N LYS A 23 -17.73 -0.17 -9.89
CA LYS A 23 -18.68 -1.29 -9.67
C LYS A 23 -18.47 -1.92 -8.29
N GLU A 24 -19.43 -2.74 -7.91
CA GLU A 24 -19.41 -3.38 -6.56
CA GLU A 24 -19.41 -3.40 -6.56
C GLU A 24 -18.28 -4.44 -6.50
N PHE A 25 -17.83 -4.89 -7.66
CA PHE A 25 -16.69 -5.82 -7.80
C PHE A 25 -15.76 -5.25 -8.86
N MET A 26 -14.47 -5.08 -8.55
CA MET A 26 -13.51 -4.45 -9.47
C MET A 26 -12.22 -5.25 -9.42
N ARG A 27 -11.60 -5.36 -10.60
CA ARG A 27 -10.27 -5.96 -10.68
C ARG A 27 -9.24 -4.85 -10.92
N PHE A 28 -7.98 -5.18 -10.71
CA PHE A 28 -6.86 -4.26 -10.99
C PHE A 28 -5.64 -5.02 -11.49
N LYS A 29 -4.78 -4.30 -12.19
CA LYS A 29 -3.48 -4.79 -12.67
C LYS A 29 -2.43 -3.84 -12.11
N VAL A 30 -1.28 -4.38 -11.72
CA VAL A 30 -0.18 -3.57 -11.11
C VAL A 30 1.17 -3.99 -11.68
N ARG A 31 2.03 -2.98 -11.87
CA ARG A 31 3.47 -3.23 -12.17
C ARG A 31 4.29 -2.30 -11.28
N MET A 32 5.24 -2.86 -10.56
CA MET A 32 6.22 -2.09 -9.77
C MET A 32 7.60 -2.21 -10.44
N GLU A 33 8.29 -1.08 -10.58
CA GLU A 33 9.74 -1.04 -10.89
C GLU A 33 10.40 -0.57 -9.60
N GLY A 34 11.36 -1.32 -9.09
CA GLY A 34 11.92 -1.08 -7.76
C GLY A 34 13.42 -1.18 -7.73
N SER A 35 14.00 -0.61 -6.69
CA SER A 35 15.43 -0.83 -6.34
C SER A 35 15.48 -0.80 -4.82
N VAL A 36 16.14 -1.77 -4.20
CA VAL A 36 16.37 -1.75 -2.72
C VAL A 36 17.85 -2.03 -2.47
N ASN A 37 18.51 -1.06 -1.84
CA ASN A 37 19.98 -1.11 -1.62
C ASN A 37 20.68 -1.47 -2.94
N GLY A 38 20.17 -0.92 -4.05
CA GLY A 38 20.75 -1.06 -5.40
C GLY A 38 20.29 -2.29 -6.13
N HIS A 39 19.57 -3.22 -5.46
CA HIS A 39 19.07 -4.45 -6.11
C HIS A 39 17.79 -4.08 -6.88
N GLU A 40 17.84 -4.05 -8.21
CA GLU A 40 16.71 -3.70 -9.10
C GLU A 40 15.81 -4.92 -9.32
N PHE A 41 14.51 -4.68 -9.37
CA PHE A 41 13.54 -5.76 -9.57
C PHE A 41 12.29 -5.18 -10.21
N GLU A 42 11.47 -6.09 -10.74
CA GLU A 42 10.13 -5.75 -11.28
C GLU A 42 9.15 -6.77 -10.72
N ILE A 43 7.97 -6.30 -10.35
CA ILE A 43 6.84 -7.16 -9.89
C ILE A 43 5.63 -6.83 -10.74
N GLU A 44 4.90 -7.86 -11.12
CA GLU A 44 3.60 -7.70 -11.78
C GLU A 44 2.56 -8.47 -10.98
N GLY A 45 1.37 -7.92 -10.97
CA GLY A 45 0.27 -8.54 -10.23
C GLY A 45 -1.09 -8.19 -10.79
N GLU A 46 -2.06 -8.93 -10.30
CA GLU A 46 -3.48 -8.71 -10.61
C GLU A 46 -4.24 -8.99 -9.33
N GLY A 47 -5.26 -8.21 -9.13
CA GLY A 47 -6.06 -8.30 -7.90
C GLY A 47 -7.52 -8.02 -8.15
N GLU A 48 -8.31 -8.19 -7.09
CA GLU A 48 -9.76 -8.08 -7.19
C GLU A 48 -10.35 -7.84 -5.79
N GLY A 49 -11.50 -7.23 -5.76
CA GLY A 49 -12.15 -6.98 -4.47
C GLY A 49 -13.45 -6.26 -4.62
N ARG A 50 -13.99 -5.89 -3.46
CA ARG A 50 -15.28 -5.17 -3.39
C ARG A 50 -14.99 -3.79 -2.84
N PRO A 51 -14.89 -2.77 -3.73
CA PRO A 51 -14.47 -1.46 -3.27
C PRO A 51 -15.28 -0.84 -2.13
N TYR A 52 -16.59 -1.10 -2.11
CA TYR A 52 -17.52 -0.49 -1.13
C TYR A 52 -17.46 -1.30 0.15
N GLU A 53 -17.06 -2.56 0.09
CA GLU A 53 -17.02 -3.40 1.33
C GLU A 53 -15.64 -3.42 1.98
N GLY A 54 -14.63 -2.84 1.35
CA GLY A 54 -13.33 -2.66 1.97
C GLY A 54 -12.51 -3.92 2.09
N PHE A 55 -12.53 -4.79 1.08
CA PHE A 55 -11.57 -5.92 1.07
C PHE A 55 -11.11 -6.16 -0.37
N GLN A 56 -9.95 -6.79 -0.43
CA GLN A 56 -9.31 -7.11 -1.73
C GLN A 56 -8.25 -8.19 -1.54
N THR A 57 -7.92 -8.83 -2.64
CA THR A 57 -6.82 -9.78 -2.76
C THR A 57 -5.97 -9.43 -3.97
N VAL A 58 -4.72 -9.88 -3.94
CA VAL A 58 -3.81 -9.68 -5.08
C VAL A 58 -2.86 -10.85 -5.17
N LYS A 59 -2.54 -11.19 -6.43
CA LYS A 59 -1.56 -12.24 -6.74
C LYS A 59 -0.40 -11.54 -7.45
N LEU A 60 0.80 -11.71 -6.91
CA LEU A 60 2.01 -10.98 -7.39
C LEU A 60 3.11 -11.97 -7.75
N LYS A 61 3.88 -11.64 -8.78
CA LYS A 61 5.10 -12.41 -9.11
C LYS A 61 6.26 -11.45 -9.38
N VAL A 62 7.44 -11.82 -8.92
CA VAL A 62 8.69 -11.09 -9.24
C VAL A 62 9.06 -11.51 -10.66
N THR A 63 9.02 -10.59 -11.62
CA THR A 63 9.27 -10.89 -13.05
C THR A 63 10.72 -10.61 -13.44
N LYS A 64 11.44 -9.78 -12.66
CA LYS A 64 12.88 -9.44 -12.87
C LYS A 64 13.54 -9.29 -11.51
N GLY A 65 14.73 -9.86 -11.34
CA GLY A 65 15.61 -9.56 -10.20
C GLY A 65 15.29 -10.47 -9.04
N GLY A 66 14.53 -11.54 -9.26
CA GLY A 66 14.20 -12.55 -8.24
C GLY A 66 15.30 -13.60 -8.13
N PRO A 67 15.45 -14.29 -6.98
CA PRO A 67 14.67 -14.00 -5.79
C PRO A 67 15.14 -12.71 -5.10
N LEU A 68 14.23 -12.00 -4.44
CA LEU A 68 14.62 -10.72 -3.80
C LEU A 68 15.49 -11.00 -2.59
N PRO A 69 16.61 -10.27 -2.46
CA PRO A 69 17.49 -10.43 -1.28
C PRO A 69 17.08 -9.61 -0.04
N PHE A 70 15.80 -9.30 0.11
CA PHE A 70 15.27 -8.49 1.23
C PHE A 70 13.83 -8.94 1.53
N ALA A 71 13.34 -8.56 2.68
CA ALA A 71 12.02 -8.87 3.25
C ALA A 71 10.89 -8.39 2.36
N TRP A 72 10.00 -9.29 1.99
CA TRP A 72 8.77 -8.95 1.28
C TRP A 72 7.99 -7.83 1.97
N ASP A 73 8.02 -7.80 3.29
CA ASP A 73 7.11 -6.94 4.09
C ASP A 73 7.32 -5.46 3.80
N ILE A 74 8.47 -5.00 3.30
CA ILE A 74 8.61 -3.57 2.93
C ILE A 74 7.83 -3.24 1.64
N LEU A 75 7.53 -4.24 0.80
CA LEU A 75 6.79 -4.06 -0.46
C LEU A 75 5.30 -4.24 -0.24
N SER A 76 4.90 -5.01 0.77
CA SER A 76 3.49 -5.44 0.87
C SER A 76 2.54 -4.24 0.87
N PRO A 77 2.81 -3.09 1.56
CA PRO A 77 1.83 -2.00 1.60
C PRO A 77 1.81 -1.15 0.33
N GLN A 78 2.61 -1.54 -0.68
CA GLN A 78 2.61 -0.78 -1.94
C GLN A 78 1.61 -1.37 -2.92
N0 OFM A 79 1.07 -2.61 -2.63
CA0 OFM A 79 0.16 -3.33 -3.51
C0 OFM A 79 -1.22 -3.40 -2.82
O0 OFM A 79 -2.21 -3.83 -3.74
CB0 OFM A 79 0.64 -4.73 -3.77
CG0 OFM A 79 2.01 -4.76 -4.43
CDX OFM A 79 3.12 -5.29 -3.78
CDY OFM A 79 2.12 -4.28 -5.71
CEX OFM A 79 4.37 -5.32 -4.40
CEY OFM A 79 3.34 -4.29 -6.30
CZ0 OFM A 79 4.45 -4.80 -5.71
N1 OFM A 79 -1.63 -2.10 -2.36
CA1 OFM A 79 -1.72 -2.12 -1.07
CB1 OFM A 79 -1.68 -3.52 -0.53
CG1 OFM A 79 -3.00 -3.99 -0.02
OG1 OFM A 79 -1.23 -4.32 -1.64
C1 OFM A 79 -1.78 -0.91 -0.26
N2 OFM A 79 -1.85 -1.01 1.08
N3 OFM A 79 -1.76 0.36 -0.69
C2 OFM A 79 -1.73 1.10 0.39
O2 OFM A 79 -1.68 2.39 0.33
CA2 OFM A 79 -1.77 0.31 1.51
CA3 OFM A 79 -1.52 0.90 -2.03
C3 OFM A 79 -2.58 0.70 -3.05
O3 OFM A 79 -2.45 1.18 -4.19
CB2 OFM A 79 -1.77 0.84 2.88
CG2 OFM A 79 -1.53 0.10 4.11
CD1 OFM A 79 -1.32 -1.27 4.20
CD2 OFM A 79 -1.55 0.88 5.25
CE1 OFM A 79 -1.21 -1.81 5.51
CE2 OFM A 79 -1.41 0.36 6.51
CZ OFM A 79 -1.25 -1.01 6.62
OH OFM A 79 -1.16 -1.61 7.81
N SER A 80 -3.79 0.46 -2.58
CA SER A 80 -4.97 0.20 -3.44
C SER A 80 -6.19 0.83 -2.74
N LYS A 81 -6.13 2.15 -2.57
CA LYS A 81 -7.01 2.91 -1.69
C LYS A 81 -8.40 3.13 -2.28
N ALA A 82 -8.68 2.66 -3.50
CA ALA A 82 -10.07 2.67 -4.03
C ALA A 82 -10.94 1.67 -3.29
N TYR A 83 -10.34 0.75 -2.54
CA TYR A 83 -11.07 -0.35 -1.92
C TYR A 83 -11.19 -0.15 -0.40
N VAL A 84 -11.41 1.06 0.04
CA VAL A 84 -11.64 1.34 1.50
C VAL A 84 -13.14 1.52 1.73
N LYS A 85 -13.69 0.81 2.69
CA LYS A 85 -15.11 0.99 3.09
C LYS A 85 -15.26 2.32 3.82
N HIS A 86 -16.15 3.17 3.34
CA HIS A 86 -16.43 4.48 3.97
C HIS A 86 -17.92 4.54 4.26
N PRO A 87 -18.32 5.01 5.47
CA PRO A 87 -19.72 5.30 5.69
C PRO A 87 -20.14 6.49 4.82
N ALA A 88 -21.44 6.63 4.61
CA ALA A 88 -21.99 7.58 3.63
C ALA A 88 -21.53 9.01 3.94
N ASP A 89 -21.36 9.33 5.22
CA ASP A 89 -21.10 10.71 5.70
C ASP A 89 -19.59 11.06 5.64
N ILE A 90 -18.71 10.17 5.23
CA ILE A 90 -17.27 10.54 5.00
C ILE A 90 -17.01 10.47 3.50
N PRO A 91 -16.74 11.61 2.86
CA PRO A 91 -16.50 11.62 1.42
C PRO A 91 -15.40 10.66 1.01
N ASP A 92 -15.70 9.82 0.04
CA ASP A 92 -14.76 8.80 -0.46
C ASP A 92 -13.97 9.42 -1.62
N TYR A 93 -13.13 10.40 -1.26
CA TYR A 93 -12.32 11.21 -2.17
C TYR A 93 -11.63 10.38 -3.25
N LEU A 94 -10.95 9.31 -2.86
CA LEU A 94 -10.19 8.52 -3.84
C LEU A 94 -11.11 7.74 -4.79
N LYS A 95 -12.27 7.29 -4.39
CA LYS A 95 -13.23 6.73 -5.39
C LYS A 95 -13.76 7.85 -6.31
N LEU A 96 -14.02 9.03 -5.76
CA LEU A 96 -14.60 10.18 -6.52
C LEU A 96 -13.62 10.60 -7.61
N SER A 97 -12.34 10.29 -7.45
CA SER A 97 -11.28 10.78 -8.35
C SER A 97 -11.40 10.09 -9.71
N PHE A 98 -12.07 8.95 -9.81
CA PHE A 98 -12.17 8.19 -11.07
C PHE A 98 -13.19 8.84 -12.00
N PRO A 99 -13.10 8.64 -13.34
CA PRO A 99 -12.17 7.71 -13.96
C PRO A 99 -10.67 8.10 -14.06
N GLU A 100 -10.39 9.40 -13.97
CA GLU A 100 -9.02 9.92 -14.12
C GLU A 100 -8.09 9.24 -13.07
N GLY A 101 -8.56 9.23 -11.82
CA GLY A 101 -7.87 8.59 -10.72
C GLY A 101 -7.04 9.54 -9.90
N PHE A 102 -5.98 8.99 -9.31
CA PHE A 102 -5.20 9.69 -8.28
C PHE A 102 -3.77 9.19 -8.30
N LYS A 103 -2.91 9.97 -7.68
CA LYS A 103 -1.49 9.63 -7.51
C LYS A 103 -1.21 9.58 -6.01
N TRP A 104 -0.22 8.81 -5.62
CA TRP A 104 0.27 8.90 -4.24
C TRP A 104 1.79 8.86 -4.20
N GLU A 105 2.33 9.51 -3.20
CA GLU A 105 3.76 9.63 -2.91
C GLU A 105 3.97 9.31 -1.44
N ARG A 106 4.90 8.41 -1.16
CA ARG A 106 5.05 7.88 0.22
C ARG A 106 6.51 7.92 0.64
N VAL A 107 6.74 8.22 1.92
CA VAL A 107 8.06 7.99 2.54
CA VAL A 107 8.07 7.98 2.55
C VAL A 107 7.86 7.06 3.74
N MET A 108 8.70 6.05 3.84
CA MET A 108 8.73 5.12 4.99
C MET A 108 10.12 5.29 5.61
N ASN A 109 10.19 5.70 6.88
CA ASN A 109 11.48 5.78 7.59
C ASN A 109 11.48 4.67 8.61
N PHE A 110 12.45 3.79 8.51
CA PHE A 110 12.57 2.62 9.40
C PHE A 110 13.49 2.96 10.56
N GLU A 111 13.28 2.28 11.68
CA GLU A 111 13.95 2.62 12.95
C GLU A 111 15.49 2.46 12.87
N ASP A 112 16.03 1.72 11.90
CA ASP A 112 17.49 1.49 11.78
C ASP A 112 18.10 2.29 10.60
N GLY A 113 17.39 3.30 10.10
CA GLY A 113 17.91 4.23 9.08
C GLY A 113 17.55 3.85 7.65
N GLY A 114 16.95 2.66 7.44
CA GLY A 114 16.43 2.39 6.09
C GLY A 114 15.35 3.39 5.70
N VAL A 115 15.29 3.70 4.41
CA VAL A 115 14.28 4.64 3.86
C VAL A 115 13.70 4.03 2.57
N VAL A 116 12.38 4.02 2.48
CA VAL A 116 11.66 3.69 1.24
C VAL A 116 10.87 4.90 0.75
N THR A 117 11.05 5.26 -0.52
CA THR A 117 10.21 6.29 -1.19
C THR A 117 9.48 5.62 -2.31
N VAL A 118 8.24 6.02 -2.50
CA VAL A 118 7.34 5.37 -3.47
C VAL A 118 6.56 6.45 -4.19
N THR A 119 6.38 6.29 -5.49
CA THR A 119 5.34 7.06 -6.22
CA THR A 119 5.37 7.08 -6.24
C THR A 119 4.45 6.10 -6.99
N GLN A 120 3.19 6.46 -7.11
CA GLN A 120 2.18 5.56 -7.68
C GLN A 120 1.15 6.36 -8.47
N ASP A 121 0.73 5.76 -9.59
CA ASP A 121 -0.38 6.31 -10.38
C ASP A 121 -1.49 5.27 -10.39
N SER A 122 -2.71 5.71 -10.08
CA SER A 122 -3.93 4.87 -10.14
C SER A 122 -4.86 5.47 -11.19
N SER A 123 -5.23 4.67 -12.15
CA SER A 123 -6.22 5.08 -13.17
C SER A 123 -7.20 3.94 -13.45
N LEU A 124 -8.22 4.21 -14.24
CA LEU A 124 -9.24 3.20 -14.61
C LEU A 124 -9.27 3.11 -16.13
N GLN A 125 -9.06 1.90 -16.66
CA GLN A 125 -8.99 1.68 -18.12
C GLN A 125 -9.78 0.43 -18.45
N ASP A 126 -10.74 0.54 -19.37
CA ASP A 126 -11.56 -0.61 -19.81
C ASP A 126 -12.07 -1.38 -18.59
N GLY A 127 -12.57 -0.67 -17.58
CA GLY A 127 -13.30 -1.26 -16.44
C GLY A 127 -12.42 -1.91 -15.38
N GLU A 128 -11.10 -1.75 -15.44
CA GLU A 128 -10.14 -2.30 -14.45
C GLU A 128 -9.27 -1.12 -13.97
N PHE A 129 -8.93 -1.13 -12.69
CA PHE A 129 -7.91 -0.21 -12.16
C PHE A 129 -6.55 -0.59 -12.71
N ILE A 130 -5.75 0.44 -13.03
CA ILE A 130 -4.37 0.25 -13.48
C ILE A 130 -3.46 0.96 -12.48
N TYR A 131 -2.54 0.20 -11.92
CA TYR A 131 -1.59 0.73 -10.91
C TYR A 131 -0.17 0.68 -11.44
N LYS A 132 0.52 1.80 -11.36
CA LYS A 132 1.95 1.87 -11.77
C LYS A 132 2.73 2.35 -10.56
N VAL A 133 3.74 1.59 -10.11
CA VAL A 133 4.46 1.88 -8.87
C VAL A 133 5.96 1.97 -9.14
N LYS A 134 6.62 3.00 -8.62
CA LYS A 134 8.08 3.11 -8.63
C LYS A 134 8.53 3.21 -7.18
N LEU A 135 9.52 2.42 -6.81
CA LEU A 135 9.97 2.29 -5.42
C LEU A 135 11.48 2.37 -5.33
N ARG A 136 11.99 3.11 -4.36
CA ARG A 136 13.46 3.11 -4.04
C ARG A 136 13.63 2.91 -2.56
N GLY A 137 14.37 1.87 -2.17
CA GLY A 137 14.80 1.65 -0.78
C GLY A 137 16.29 1.80 -0.69
N THR A 138 16.75 2.49 0.36
CA THR A 138 18.19 2.75 0.58
C THR A 138 18.51 2.70 2.07
N ASN A 139 19.82 2.55 2.35
CA ASN A 139 20.38 2.74 3.71
C ASN A 139 19.87 1.64 4.63
N PHE A 140 19.45 0.46 4.10
CA PHE A 140 19.16 -0.67 5.01
C PHE A 140 20.50 -1.30 5.39
N PRO A 141 20.76 -1.51 6.70
CA PRO A 141 21.96 -2.23 7.13
C PRO A 141 22.05 -3.61 6.46
N SER A 142 23.20 -3.95 5.90
CA SER A 142 23.34 -5.23 5.14
C SER A 142 22.94 -6.42 6.01
N ASP A 143 23.05 -6.29 7.35
CA ASP A 143 22.81 -7.38 8.35
C ASP A 143 21.55 -7.08 9.17
N GLY A 144 20.72 -6.11 8.74
CA GLY A 144 19.49 -5.78 9.49
C GLY A 144 18.33 -6.70 9.10
N PRO A 145 17.16 -6.58 9.76
CA PRO A 145 16.04 -7.50 9.54
C PRO A 145 15.46 -7.47 8.13
N VAL A 146 15.64 -6.36 7.41
CA VAL A 146 15.12 -6.27 6.01
C VAL A 146 16.03 -7.03 5.07
N MET A 147 17.33 -6.70 5.04
CA MET A 147 18.27 -7.39 4.13
C MET A 147 18.48 -8.86 4.57
N GLN A 148 18.15 -9.23 5.82
CA GLN A 148 18.34 -10.64 6.27
C GLN A 148 17.00 -11.38 6.40
N LYS A 149 15.89 -10.76 5.99
CA LYS A 149 14.58 -11.45 5.89
C LYS A 149 14.13 -12.03 7.23
N LYS A 150 14.04 -11.20 8.26
CA LYS A 150 13.75 -11.62 9.65
C LYS A 150 12.36 -11.18 10.06
N THR A 151 11.59 -10.62 9.12
CA THR A 151 10.21 -10.16 9.37
C THR A 151 9.22 -11.23 8.91
N MET A 152 8.03 -11.21 9.53
CA MET A 152 7.00 -12.24 9.26
C MET A 152 5.63 -11.55 9.21
N GLY A 153 5.51 -10.46 8.49
CA GLY A 153 4.21 -9.80 8.30
C GLY A 153 4.17 -8.50 9.07
N MET A 154 3.01 -7.89 9.11
CA MET A 154 2.87 -6.67 9.93
C MET A 154 1.56 -6.69 10.70
N GLU A 155 1.57 -5.99 11.81
CA GLU A 155 0.37 -5.84 12.66
C GLU A 155 -0.66 -5.02 11.90
N ALA A 156 -1.91 -5.19 12.26
CA ALA A 156 -3.00 -4.28 11.88
C ALA A 156 -2.62 -2.88 12.34
N SER A 157 -3.04 -1.88 11.58
CA SER A 157 -2.68 -0.48 11.90
C SER A 157 -3.88 0.42 11.64
N SER A 158 -3.76 1.67 12.06
CA SER A 158 -4.79 2.70 11.81
C SER A 158 -4.08 3.88 11.14
N GLU A 159 -4.38 4.08 9.86
CA GLU A 159 -3.80 5.21 9.12
C GLU A 159 -4.62 6.45 9.45
N ARG A 160 -3.95 7.49 9.91
CA ARG A 160 -4.58 8.74 10.37
C ARG A 160 -4.63 9.69 9.18
N MET A 161 -5.85 10.01 8.74
CA MET A 161 -6.06 10.69 7.44
C MET A 161 -6.48 12.14 7.74
N TYR A 162 -5.98 13.09 6.97
CA TYR A 162 -6.44 14.49 7.10
C TYR A 162 -6.21 15.21 5.79
N PRO A 163 -7.08 16.18 5.49
CA PRO A 163 -6.89 17.03 4.32
C PRO A 163 -5.83 18.11 4.58
N GLU A 164 -4.99 18.36 3.59
CA GLU A 164 -3.94 19.39 3.70
C GLU A 164 -3.51 19.79 2.29
N ASP A 165 -3.49 21.10 2.01
CA ASP A 165 -2.93 21.67 0.75
C ASP A 165 -3.64 21.08 -0.46
N GLY A 166 -4.93 20.80 -0.35
CA GLY A 166 -5.74 20.27 -1.47
C GLY A 166 -5.53 18.78 -1.76
N ALA A 167 -4.94 18.04 -0.84
CA ALA A 167 -4.72 16.58 -0.98
C ALA A 167 -5.18 15.89 0.30
N LEU A 168 -5.21 14.57 0.24
CA LEU A 168 -5.48 13.75 1.45
C LEU A 168 -4.18 13.16 1.95
N LYS A 169 -3.84 13.41 3.20
CA LYS A 169 -2.61 12.90 3.78
C LYS A 169 -2.94 11.77 4.73
N GLY A 170 -2.03 10.82 4.81
CA GLY A 170 -2.11 9.72 5.76
C GLY A 170 -0.81 9.57 6.52
N GLU A 171 -0.92 9.26 7.80
CA GLU A 171 0.26 9.00 8.65
C GLU A 171 0.00 7.68 9.40
N ASP A 172 1.02 6.85 9.47
CA ASP A 172 0.90 5.56 10.18
C ASP A 172 2.26 5.19 10.75
N LYS A 173 2.22 4.27 11.66
CA LYS A 173 3.41 3.60 12.22
C LYS A 173 3.20 2.11 11.93
N LEU A 174 3.96 1.59 10.99
CA LEU A 174 3.88 0.17 10.68
C LEU A 174 4.80 -0.61 11.60
N ARG A 175 4.26 -1.68 12.15
CA ARG A 175 5.00 -2.54 13.12
C ARG A 175 5.18 -3.88 12.41
N LEU A 176 6.33 -4.05 11.74
CA LEU A 176 6.72 -5.32 11.10
C LEU A 176 7.03 -6.33 12.20
N LYS A 177 6.48 -7.53 12.06
CA LYS A 177 6.62 -8.58 13.10
C LYS A 177 7.99 -9.23 12.89
N LEU A 178 8.78 -9.27 13.92
CA LEU A 178 10.06 -10.02 13.89
C LEU A 178 9.72 -11.46 14.29
N LYS A 179 10.37 -12.38 13.61
CA LYS A 179 10.23 -13.83 13.89
C LYS A 179 10.61 -14.08 15.36
N ASP A 180 11.65 -13.38 15.81
CA ASP A 180 12.38 -13.64 17.07
C ASP A 180 11.59 -13.00 18.21
N GLY A 181 10.27 -12.87 18.05
CA GLY A 181 9.43 -11.98 18.86
C GLY A 181 9.89 -10.55 18.66
N GLY A 182 8.95 -9.61 18.85
CA GLY A 182 9.28 -8.17 18.77
C GLY A 182 8.83 -7.49 17.49
N HIS A 183 9.06 -6.19 17.38
CA HIS A 183 8.63 -5.42 16.18
C HIS A 183 9.75 -4.51 15.66
N TYR A 184 9.72 -4.31 14.33
CA TYR A 184 10.62 -3.42 13.55
C TYR A 184 9.74 -2.32 12.98
N THR A 185 10.02 -1.07 13.36
CA THR A 185 9.08 0.08 13.24
C THR A 185 9.39 0.88 11.99
N SER A 186 8.34 1.30 11.29
CA SER A 186 8.42 2.24 10.16
C SER A 186 7.42 3.37 10.38
N GLU A 187 7.86 4.61 10.36
CA GLU A 187 6.91 5.75 10.27
C GLU A 187 6.63 6.03 8.80
N VAL A 188 5.37 6.12 8.47
CA VAL A 188 4.92 6.25 7.06
C VAL A 188 4.12 7.52 6.90
N LYS A 189 4.46 8.31 5.88
CA LYS A 189 3.67 9.50 5.54
C LYS A 189 3.36 9.39 4.06
N THR A 190 2.10 9.56 3.71
CA THR A 190 1.69 9.44 2.30
C THR A 190 0.80 10.63 1.93
N THR A 191 1.00 11.15 0.73
CA THR A 191 0.07 12.12 0.14
C THR A 191 -0.70 11.44 -0.99
N TYR A 192 -2.02 11.46 -0.90
CA TYR A 192 -2.93 10.89 -1.92
C TYR A 192 -3.60 12.06 -2.62
N LYS A 193 -3.34 12.28 -3.91
CA LYS A 193 -3.85 13.49 -4.61
C LYS A 193 -4.70 13.03 -5.79
N ALA A 194 -5.98 13.36 -5.74
CA ALA A 194 -6.89 13.17 -6.87
C ALA A 194 -6.40 14.01 -8.06
N LYS A 195 -6.62 13.50 -9.27
CA LYS A 195 -6.23 14.22 -10.50
C LYS A 195 -7.23 15.30 -10.83
N LYS A 196 -8.36 15.35 -10.12
CA LYS A 196 -9.37 16.45 -10.23
C LYS A 196 -9.86 16.74 -8.82
N PRO A 197 -10.15 18.02 -8.48
CA PRO A 197 -10.42 18.40 -7.08
C PRO A 197 -11.84 18.05 -6.61
N VAL A 198 -12.10 16.76 -6.44
CA VAL A 198 -13.34 16.24 -5.81
C VAL A 198 -13.28 16.44 -4.31
N GLN A 199 -14.38 16.16 -3.65
CA GLN A 199 -14.62 16.54 -2.24
C GLN A 199 -13.64 15.82 -1.31
N LEU A 200 -12.88 16.59 -0.54
CA LEU A 200 -12.03 16.05 0.54
C LEU A 200 -12.89 15.80 1.77
N PRO A 201 -12.56 14.71 2.51
CA PRO A 201 -13.14 14.48 3.84
C PRO A 201 -12.46 15.39 4.85
N GLY A 202 -13.06 15.46 6.05
CA GLY A 202 -12.37 15.93 7.25
C GLY A 202 -11.41 14.88 7.76
N ALA A 203 -10.74 15.18 8.86
CA ALA A 203 -9.79 14.21 9.46
C ALA A 203 -10.59 12.97 9.89
N TYR A 204 -10.05 11.81 9.65
CA TYR A 204 -10.68 10.52 10.01
C TYR A 204 -9.61 9.44 10.09
N ILE A 205 -10.03 8.23 10.38
CA ILE A 205 -9.10 7.08 10.61
C ILE A 205 -9.51 5.94 9.69
N VAL A 206 -8.51 5.26 9.14
CA VAL A 206 -8.75 4.01 8.34
C VAL A 206 -8.04 2.84 9.05
N ASP A 207 -8.83 1.92 9.56
CA ASP A 207 -8.33 0.69 10.21
C ASP A 207 -8.02 -0.30 9.08
N ILE A 208 -6.80 -0.84 9.10
CA ILE A 208 -6.28 -1.71 8.01
C ILE A 208 -5.63 -2.96 8.61
N LYS A 209 -5.90 -4.12 7.99
CA LYS A 209 -5.13 -5.33 8.24
C LYS A 209 -4.69 -5.93 6.90
N LEU A 210 -3.40 -6.06 6.71
CA LEU A 210 -2.80 -6.69 5.51
CA LEU A 210 -2.79 -6.68 5.52
C LEU A 210 -2.20 -8.03 5.92
N ASP A 211 -2.63 -9.08 5.25
CA ASP A 211 -2.14 -10.47 5.49
C ASP A 211 -1.47 -11.01 4.23
N ILE A 212 -0.35 -11.69 4.38
CA ILE A 212 0.23 -12.54 3.29
C ILE A 212 -0.44 -13.91 3.43
N THR A 213 -1.29 -14.25 2.50
CA THR A 213 -2.13 -15.47 2.58
C THR A 213 -1.38 -16.71 2.07
N SER A 214 -0.46 -16.53 1.14
CA SER A 214 0.38 -17.63 0.63
C SER A 214 1.63 -17.03 -0.02
N HIS A 215 2.69 -17.82 -0.06
CA HIS A 215 3.93 -17.42 -0.76
C HIS A 215 4.70 -18.68 -1.12
N ASN A 216 5.48 -18.61 -2.18
CA ASN A 216 6.44 -19.71 -2.40
C ASN A 216 7.68 -19.51 -1.49
N GLU A 217 8.60 -20.49 -1.44
CA GLU A 217 9.73 -20.49 -0.47
C GLU A 217 10.52 -19.19 -0.58
N ASP A 218 10.74 -18.67 -1.80
CA ASP A 218 11.67 -17.51 -1.98
C ASP A 218 10.91 -16.21 -2.25
N TYR A 219 9.60 -16.22 -2.06
CA TYR A 219 8.73 -15.01 -2.18
C TYR A 219 8.83 -14.40 -3.59
N THR A 220 9.04 -15.21 -4.62
CA THR A 220 8.90 -14.78 -6.03
C THR A 220 7.43 -14.85 -6.46
N ILE A 221 6.58 -15.54 -5.71
CA ILE A 221 5.11 -15.55 -5.90
C ILE A 221 4.47 -15.32 -4.53
N VAL A 222 3.61 -14.32 -4.42
CA VAL A 222 3.01 -13.89 -3.14
C VAL A 222 1.55 -13.51 -3.35
N GLU A 223 0.69 -13.91 -2.44
CA GLU A 223 -0.71 -13.48 -2.39
C GLU A 223 -0.95 -12.70 -1.10
N GLN A 224 -1.72 -11.62 -1.22
CA GLN A 224 -2.04 -10.74 -0.08
C GLN A 224 -3.54 -10.56 -0.03
N TYR A 225 -4.05 -10.34 1.18
CA TYR A 225 -5.45 -9.96 1.46
C TYR A 225 -5.37 -8.69 2.31
N GLU A 226 -6.24 -7.73 2.03
CA GLU A 226 -6.30 -6.54 2.88
C GLU A 226 -7.77 -6.20 3.13
N ARG A 227 -8.06 -5.77 4.36
CA ARG A 227 -9.32 -5.17 4.73
C ARG A 227 -9.06 -3.79 5.28
N ALA A 228 -9.90 -2.84 4.87
CA ALA A 228 -9.72 -1.41 5.24
C ALA A 228 -11.07 -0.74 5.42
N GLU A 229 -11.26 -0.04 6.53
CA GLU A 229 -12.53 0.68 6.77
C GLU A 229 -12.25 2.01 7.46
N GLY A 230 -12.83 3.05 6.90
CA GLY A 230 -12.78 4.40 7.44
C GLY A 230 -13.84 4.57 8.51
N ARG A 231 -13.49 5.35 9.51
CA ARG A 231 -14.41 5.69 10.59
C ARG A 231 -14.06 7.07 11.12
N HIS A 232 -14.96 7.61 11.91
CA HIS A 232 -14.69 8.87 12.64
C HIS A 232 -13.70 8.58 13.78
N SER A 233 -12.81 9.52 14.09
CA SER A 233 -11.96 9.49 15.30
C SER A 233 -12.84 9.42 16.55
N THR A 234 -12.34 8.72 17.57
CA THR A 234 -12.94 8.53 18.92
C THR A 234 -13.07 9.91 19.56
N GLY A 235 -11.18 10.55 19.30
CA GLY A 235 -10.71 11.58 20.28
C GLY A 235 -10.25 12.81 19.51
O1 PG4 B . 3.51 -18.14 -14.67
C1 PG4 B . 3.36 -18.69 -13.34
C2 PG4 B . 2.29 -18.04 -12.59
O2 PG4 B . 2.57 -17.69 -11.25
C3 PG4 B . 1.50 -17.10 -10.51
C4 PG4 B . 1.64 -15.63 -10.34
O3 PG4 B . 0.47 -14.84 -10.59
C5 PG4 B . 0.77 -13.47 -10.84
C6 PG4 B . 0.06 -12.83 -11.97
O4 PG4 B . 1.03 -12.20 -12.82
C7 PG4 B . 0.72 -12.11 -14.20
C8 PG4 B . 1.96 -11.92 -15.06
O5 PG4 B . 2.41 -13.13 -15.71
O1 PG4 C . -14.15 -8.89 4.52
C1 PG4 C . -14.74 -8.75 5.77
C2 PG4 C . -14.93 -7.33 6.11
O2 PG4 C . -13.99 -6.51 5.41
C3 PG4 C . -13.98 -5.16 5.87
C4 PG4 C . -13.39 -5.15 7.18
O3 PG4 C . -13.39 -3.86 7.78
C5 PG4 C . -12.87 -3.91 9.11
C6 PG4 C . -11.65 -3.09 9.19
O4 PG4 C . -10.59 -3.98 8.93
C7 PG4 C . -9.32 -3.59 9.47
C8 PG4 C . -9.39 -3.58 10.95
O5 PG4 C . -8.16 -3.84 11.61
C ACT D . 4.51 5.97 -11.60
O ACT D . 4.23 6.28 -12.77
OXT ACT D . 4.30 6.72 -10.61
CH3 ACT D . 5.12 4.61 -11.36
C1 PEG E . -17.79 -11.57 -9.71
O1 PEG E . -18.24 -11.16 -8.41
C2 PEG E . -16.86 -12.75 -9.65
O2 PEG E . -16.27 -12.95 -10.93
C3 PEG E . -16.06 -14.30 -11.29
C4 PEG E . -17.13 -14.74 -12.23
O4 PEG E . -16.81 -15.94 -12.93
O1 PG4 F . -8.12 13.64 15.51
C1 PG4 F . -9.06 13.60 14.50
C2 PG4 F . -8.63 12.70 13.37
O2 PG4 F . -7.29 13.01 13.01
C3 PG4 F . -6.77 12.09 12.06
C4 PG4 F . -5.51 12.60 11.52
O3 PG4 F . -4.55 12.66 12.56
C5 PG4 F . -3.28 13.12 12.13
C6 PG4 F . -2.41 13.40 13.29
O4 PG4 F . -2.41 12.28 14.18
S SO4 G . -8.79 7.36 17.37
O1 SO4 G . -10.19 7.11 17.11
O2 SO4 G . -8.54 7.22 18.78
O3 SO4 G . -7.98 6.39 16.67
O4 SO4 G . -8.44 8.70 16.97
S SO4 H . -21.14 15.68 2.81
O1 SO4 H . -22.32 15.54 3.59
O2 SO4 H . -20.17 14.74 3.30
O3 SO4 H . -21.45 15.46 1.42
O4 SO4 H . -20.63 17.00 2.96
S SO4 I . 23.63 -5.14 0.24
O1 SO4 I . 22.87 -4.87 1.42
O2 SO4 I . 25.03 -4.99 0.51
O3 SO4 I . 23.38 -6.47 -0.23
O4 SO4 I . 23.25 -4.22 -0.79
#